data_2F6D
#
_entry.id   2F6D
#
_cell.length_a   56.580
_cell.length_b   85.350
_cell.length_c   97.510
_cell.angle_alpha   90.00
_cell.angle_beta   90.00
_cell.angle_gamma   90.00
#
_symmetry.space_group_name_H-M   'P 21 21 21'
#
loop_
_entity.id
_entity.type
_entity.pdbx_description
1 polymer 'Glucoamylase GLU1'
2 branched 4,6-dideoxy-4-{[(1S,4R,5S,6S)-4,5,6-trihydroxy-3-(hydroxymethyl)cyclohex-2-en-1-yl]amino}-alpha-D-glucopyranose-(1-4)-alpha-D-glucopyranose-(1-4)-alpha-D-glucopyranose
3 non-polymer 'PHOSPHATE ION'
4 non-polymer 'SODIUM ION'
5 water water
#
_entity_poly.entity_id   1
_entity_poly.type   'polypeptide(L)'
_entity_poly.pdbx_seq_one_letter_code
;AYPSFEAYSNYKVDRTDLETFLDKQKEVSLYYLLQNIAYPEGQFNNGVPGTVIASPSTSNPDYYYQWTRDSAITFLTVLS
ELEDNNFNTTLAKAVEYYINTSYNLQRTSNPSGSFDDENHKGLGEPKFNTDGSAYTGAWGRPQNDGPALRAYAISRYLND
VNSLNEGKLVLTDSGDINFSSTEDIYKNIIKPDLEYVIGYWDSTGFDLWEENQGRHFFTSLVQQKALAYAVDIAKSFDDG
DFANTLSSTASTLESYLSGSDGGFVNTDVNHIVENPDLLQQNSRQGLDSATYIGPLLTHDIGESSSTPFDVDNEYVLQSY
YLLLEDNKDRYSVNSAYSAGAAIGRYPEDVYNGDGSSEGNPWFLATAYAAQVPYKLAYDAKSASNDITINKINYDFFNKY
IVDLSTINSAYQSSDSVTIKSGSDEFNTVADNLVTFGDSFLQVILDHINDDGSLNEQLNRYTGYSTGAYSLTWSSGALLE
AIRLRNKVKALA
;
_entity_poly.pdbx_strand_id   A
#
# COMPACT_ATOMS: atom_id res chain seq x y z
N ALA A 1 -2.21 24.78 -6.60
CA ALA A 1 -1.12 25.43 -5.81
C ALA A 1 -0.81 24.66 -4.52
N TYR A 2 0.41 24.79 -4.02
CA TYR A 2 0.90 24.03 -2.87
C TYR A 2 1.88 24.89 -2.06
N PRO A 3 1.37 25.95 -1.42
CA PRO A 3 2.22 26.99 -0.82
C PRO A 3 3.19 26.52 0.27
N SER A 4 2.83 25.52 1.06
CA SER A 4 3.72 25.07 2.12
C SER A 4 4.85 24.13 1.67
N PHE A 5 4.79 23.68 0.42
CA PHE A 5 5.79 22.75 -0.12
C PHE A 5 7.16 23.40 -0.15
N GLU A 6 8.17 22.70 0.32
CA GLU A 6 9.55 23.14 0.20
C GLU A 6 10.37 22.12 -0.59
N ALA A 7 10.91 22.54 -1.74
CA ALA A 7 11.74 21.66 -2.55
C ALA A 7 13.08 21.31 -1.88
N TYR A 8 13.59 20.13 -2.15
CA TYR A 8 14.92 19.74 -1.72
C TYR A 8 15.92 20.19 -2.78
N SER A 9 15.72 19.73 -4.00
CA SER A 9 16.62 20.02 -5.14
C SER A 9 18.12 19.94 -4.80
N ASN A 10 18.53 18.85 -4.17
CA ASN A 10 19.95 18.64 -3.85
C ASN A 10 20.70 17.85 -4.95
N TYR A 11 20.04 17.59 -6.07
CA TYR A 11 20.72 17.03 -7.25
C TYR A 11 19.91 17.29 -8.51
N LYS A 12 20.61 17.28 -9.65
CA LYS A 12 19.99 17.33 -10.95
C LYS A 12 19.66 15.90 -11.39
N VAL A 13 18.36 15.63 -11.55
CA VAL A 13 17.91 14.31 -12.00
C VAL A 13 18.50 13.99 -13.37
N ASP A 14 19.19 12.87 -13.48
CA ASP A 14 19.70 12.39 -14.76
C ASP A 14 18.86 11.20 -15.17
N ARG A 15 18.04 11.39 -16.21
CA ARG A 15 17.05 10.39 -16.61
C ARG A 15 17.64 9.21 -17.39
N THR A 16 18.97 9.26 -17.59
CA THR A 16 19.76 8.22 -18.25
C THR A 16 20.54 7.39 -17.24
N ASP A 17 20.34 7.64 -15.94
CA ASP A 17 21.15 7.01 -14.92
C ASP A 17 20.27 6.50 -13.76
N LEU A 18 19.68 5.33 -13.96
CA LEU A 18 18.77 4.77 -12.97
C LEU A 18 19.44 4.48 -11.63
N GLU A 19 20.64 3.94 -11.64
CA GLU A 19 21.32 3.57 -10.41
C GLU A 19 21.51 4.76 -9.50
N THR A 20 22.00 5.85 -10.08
CA THR A 20 22.22 7.08 -9.33
C THR A 20 20.91 7.67 -8.86
N PHE A 21 19.91 7.69 -9.73
CA PHE A 21 18.58 8.18 -9.38
C PHE A 21 18.06 7.48 -8.14
N LEU A 22 18.13 6.16 -8.13
CA LEU A 22 17.55 5.41 -7.03
C LEU A 22 18.35 5.58 -5.72
N ASP A 23 19.67 5.74 -5.83
CA ASP A 23 20.50 6.16 -4.70
C ASP A 23 20.04 7.46 -4.08
N LYS A 24 19.81 8.45 -4.92
CA LYS A 24 19.42 9.78 -4.45
C LYS A 24 17.99 9.80 -3.93
N GLN A 25 17.05 9.14 -4.62
CA GLN A 25 15.65 9.20 -4.19
C GLN A 25 15.37 8.50 -2.88
N LYS A 26 16.22 7.56 -2.49
CA LYS A 26 16.14 6.88 -1.19
C LYS A 26 16.11 7.92 -0.08
N GLU A 27 16.81 9.03 -0.30
CA GLU A 27 16.82 10.15 0.64
C GLU A 27 15.84 11.26 0.27
N VAL A 28 15.69 11.54 -1.01
CA VAL A 28 14.85 12.67 -1.42
C VAL A 28 13.36 12.38 -1.18
N SER A 29 12.92 11.18 -1.53
CA SER A 29 11.52 10.81 -1.30
C SER A 29 11.23 10.70 0.19
N LEU A 30 12.22 10.30 1.00
CA LEU A 30 12.02 10.29 2.46
C LEU A 30 11.82 11.71 2.99
N TYR A 31 12.65 12.64 2.52
CA TYR A 31 12.46 14.05 2.81
C TYR A 31 11.04 14.54 2.48
N TYR A 32 10.54 14.19 1.30
CA TYR A 32 9.22 14.65 0.89
C TYR A 32 8.10 13.97 1.65
N LEU A 33 8.32 12.71 2.03
CA LEU A 33 7.33 11.97 2.83
C LEU A 33 7.23 12.62 4.20
N LEU A 34 8.37 12.81 4.85
CA LEU A 34 8.40 13.37 6.20
C LEU A 34 7.89 14.81 6.24
N GLN A 35 8.06 15.57 5.14
CA GLN A 35 7.58 16.93 5.08
C GLN A 35 6.07 17.05 5.25
N ASN A 36 5.34 16.00 4.86
CA ASN A 36 3.88 15.99 4.93
C ASN A 36 3.35 15.41 6.26
N ILE A 37 4.25 15.10 7.18
CA ILE A 37 3.88 14.61 8.51
C ILE A 37 4.19 15.72 9.52
N ALA A 38 3.18 16.14 10.28
CA ALA A 38 3.40 17.14 11.33
C ALA A 38 4.08 16.51 12.53
N TYR A 39 5.26 17.00 12.87
CA TYR A 39 5.93 16.69 14.15
C TYR A 39 6.85 17.86 14.52
N PRO A 40 7.02 18.12 15.81
CA PRO A 40 7.81 19.30 16.22
C PRO A 40 9.22 19.37 15.65
N GLU A 41 9.89 18.24 15.48
CA GLU A 41 11.27 18.20 14.97
C GLU A 41 11.35 18.18 13.44
N GLY A 42 10.20 18.23 12.77
CA GLY A 42 10.18 18.22 11.32
C GLY A 42 10.00 19.58 10.69
N GLN A 43 9.95 19.59 9.37
CA GLN A 43 9.68 20.82 8.63
C GLN A 43 8.26 21.30 8.91
N PHE A 44 7.32 20.35 9.04
CA PHE A 44 5.91 20.63 9.27
C PHE A 44 5.70 20.76 10.78
N ASN A 45 6.37 21.75 11.36
CA ASN A 45 6.35 21.93 12.81
C ASN A 45 5.23 22.87 13.24
N ASN A 46 4.43 23.37 12.29
CA ASN A 46 3.30 24.24 12.60
C ASN A 46 1.91 23.55 12.56
N GLY A 47 1.88 22.26 12.24
CA GLY A 47 0.65 21.50 12.27
C GLY A 47 0.46 20.75 13.58
N VAL A 48 -0.75 20.22 13.80
CA VAL A 48 -1.04 19.37 14.96
C VAL A 48 -0.18 18.10 14.84
N PRO A 49 0.74 17.83 15.75
CA PRO A 49 1.61 16.67 15.59
C PRO A 49 0.82 15.37 15.35
N GLY A 50 1.26 14.56 14.40
CA GLY A 50 0.59 13.31 14.05
C GLY A 50 -0.34 13.43 12.86
N THR A 51 -0.55 14.65 12.38
CA THR A 51 -1.39 14.91 11.20
C THR A 51 -0.56 14.61 9.97
N VAL A 52 -1.06 13.76 9.08
CA VAL A 52 -0.40 13.51 7.81
C VAL A 52 -1.29 14.12 6.71
N ILE A 53 -0.76 15.07 5.94
CA ILE A 53 -1.51 15.58 4.82
C ILE A 53 -1.26 14.65 3.65
N ALA A 54 -2.28 14.44 2.84
CA ALA A 54 -2.12 13.60 1.66
C ALA A 54 -1.20 14.31 0.65
N SER A 55 -1.22 15.64 0.66
CA SER A 55 -0.43 16.46 -0.26
C SER A 55 -0.49 17.91 0.20
N PRO A 56 0.57 18.68 -0.06
CA PRO A 56 0.49 20.14 0.19
C PRO A 56 -0.44 20.91 -0.76
N SER A 57 -1.00 20.28 -1.79
CA SER A 57 -1.90 20.98 -2.72
C SER A 57 -3.15 21.41 -1.98
N THR A 58 -3.42 22.71 -1.98
CA THR A 58 -4.63 23.28 -1.38
C THR A 58 -5.65 23.73 -2.43
N SER A 59 -5.28 23.67 -3.70
CA SER A 59 -6.21 23.91 -4.80
C SER A 59 -5.76 23.16 -6.05
N ASN A 60 -6.72 22.66 -6.81
CA ASN A 60 -6.48 22.04 -8.10
C ASN A 60 -5.46 20.92 -8.06
N PRO A 61 -5.72 19.88 -7.25
CA PRO A 61 -6.87 19.75 -6.34
C PRO A 61 -6.53 20.23 -4.94
N ASP A 62 -7.54 20.26 -4.09
CA ASP A 62 -7.34 20.49 -2.67
C ASP A 62 -7.24 19.16 -1.93
N TYR A 63 -6.02 18.72 -1.64
CA TYR A 63 -5.76 17.49 -0.89
C TYR A 63 -5.21 17.76 0.52
N TYR A 64 -5.42 18.98 1.04
CA TYR A 64 -4.86 19.34 2.33
C TYR A 64 -5.82 18.87 3.45
N TYR A 65 -5.82 17.55 3.64
CA TYR A 65 -6.66 16.84 4.62
C TYR A 65 -5.86 15.63 5.07
N GLN A 66 -6.29 15.01 6.15
CA GLN A 66 -5.71 13.76 6.61
C GLN A 66 -6.69 12.61 6.35
N TRP A 67 -6.29 11.71 5.47
CA TRP A 67 -7.04 10.48 5.19
C TRP A 67 -6.49 9.34 6.06
N THR A 68 -7.38 8.54 6.65
CA THR A 68 -6.96 7.46 7.51
C THR A 68 -6.08 6.47 6.75
N ARG A 69 -6.48 6.15 5.52
CA ARG A 69 -5.70 5.27 4.66
C ARG A 69 -4.29 5.83 4.36
N ASP A 70 -4.20 7.03 3.80
CA ASP A 70 -2.88 7.57 3.45
C ASP A 70 -1.99 7.69 4.66
N SER A 71 -2.55 8.11 5.80
CA SER A 71 -1.74 8.27 7.00
C SER A 71 -1.16 6.94 7.45
N ALA A 72 -1.99 5.89 7.44
CA ALA A 72 -1.50 4.57 7.85
C ALA A 72 -0.42 4.03 6.90
N ILE A 73 -0.65 4.15 5.60
CA ILE A 73 0.32 3.65 4.61
C ILE A 73 1.62 4.44 4.73
N THR A 74 1.50 5.74 4.95
CA THR A 74 2.65 6.60 5.22
C THR A 74 3.44 6.06 6.41
N PHE A 75 2.73 5.74 7.49
CA PHE A 75 3.42 5.22 8.66
C PHE A 75 3.97 3.81 8.51
N LEU A 76 3.45 3.01 7.58
CA LEU A 76 4.09 1.74 7.27
C LEU A 76 5.50 2.00 6.70
N THR A 77 5.65 3.03 5.90
CA THR A 77 6.99 3.42 5.41
C THR A 77 7.87 3.93 6.56
N VAL A 78 7.32 4.78 7.41
CA VAL A 78 8.06 5.29 8.56
C VAL A 78 8.54 4.13 9.43
N LEU A 79 7.69 3.14 9.61
CA LEU A 79 8.03 1.98 10.40
C LEU A 79 9.15 1.17 9.73
N SER A 80 9.09 0.98 8.43
CA SER A 80 10.16 0.31 7.71
C SER A 80 11.49 1.04 7.89
N GLU A 81 11.47 2.37 7.86
CA GLU A 81 12.66 3.17 8.12
C GLU A 81 13.14 3.01 9.56
N LEU A 82 12.21 3.08 10.51
CA LEU A 82 12.49 2.91 11.93
C LEU A 82 13.16 1.55 12.18
N GLU A 83 12.64 0.52 11.55
CA GLU A 83 13.15 -0.83 11.68
C GLU A 83 14.56 -0.94 11.07
N ASP A 84 14.74 -0.39 9.87
CA ASP A 84 16.06 -0.39 9.24
C ASP A 84 17.11 0.38 10.08
N ASN A 85 16.66 1.38 10.84
CA ASN A 85 17.53 2.19 11.68
C ASN A 85 17.70 1.64 13.10
N ASN A 86 17.30 0.40 13.35
CA ASN A 86 17.29 -0.13 14.70
C ASN A 86 16.66 0.83 15.73
N PHE A 87 15.51 1.39 15.37
CA PHE A 87 14.67 2.22 16.23
C PHE A 87 15.27 3.60 16.57
N ASN A 88 15.20 4.46 15.58
CA ASN A 88 15.51 5.88 15.61
C ASN A 88 14.50 6.65 16.49
N THR A 89 14.95 7.41 17.51
CA THR A 89 14.03 8.18 18.37
C THR A 89 13.18 9.24 17.65
N THR A 90 13.78 9.94 16.69
CA THR A 90 13.06 10.98 15.96
C THR A 90 11.83 10.40 15.27
N LEU A 91 12.02 9.30 14.57
CA LEU A 91 10.92 8.66 13.87
C LEU A 91 9.92 8.06 14.85
N ALA A 92 10.41 7.47 15.94
CA ALA A 92 9.51 6.90 16.94
C ALA A 92 8.61 7.98 17.52
N LYS A 93 9.14 9.19 17.78
CA LYS A 93 8.31 10.29 18.27
C LYS A 93 7.21 10.63 17.25
N ALA A 94 7.55 10.63 15.96
CA ALA A 94 6.54 10.91 14.94
C ALA A 94 5.43 9.87 14.96
N VAL A 95 5.80 8.60 15.13
CA VAL A 95 4.82 7.51 15.17
C VAL A 95 3.91 7.72 16.38
N GLU A 96 4.48 8.08 17.53
CA GLU A 96 3.64 8.21 18.72
C GLU A 96 2.72 9.42 18.64
N TYR A 97 3.16 10.50 18.00
CA TYR A 97 2.27 11.63 17.76
C TYR A 97 1.11 11.22 16.86
N TYR A 98 1.40 10.38 15.88
CA TYR A 98 0.36 9.86 14.97
C TYR A 98 -0.62 8.95 15.71
N ILE A 99 -0.10 8.14 16.63
CA ILE A 99 -0.93 7.28 17.44
C ILE A 99 -1.86 8.16 18.29
N ASN A 100 -1.30 9.21 18.87
CA ASN A 100 -2.09 10.11 19.69
C ASN A 100 -3.14 10.87 18.89
N THR A 101 -2.77 11.38 17.73
CA THR A 101 -3.76 12.04 16.90
C THR A 101 -4.84 11.06 16.42
N SER A 102 -4.45 9.82 16.14
CA SER A 102 -5.42 8.76 15.78
C SER A 102 -6.43 8.51 16.92
N TYR A 103 -5.95 8.49 18.16
CA TYR A 103 -6.82 8.42 19.32
C TYR A 103 -7.86 9.52 19.29
N ASN A 104 -7.40 10.75 19.03
CA ASN A 104 -8.31 11.89 18.98
C ASN A 104 -9.32 11.82 17.84
N LEU A 105 -8.87 11.38 16.66
CA LEU A 105 -9.72 11.26 15.50
C LEU A 105 -10.79 10.18 15.72
N GLN A 106 -10.39 9.08 16.32
CA GLN A 106 -11.33 8.00 16.64
C GLN A 106 -12.50 8.51 17.48
N ARG A 107 -12.20 9.42 18.39
CA ARG A 107 -13.20 9.98 19.30
C ARG A 107 -13.90 11.21 18.77
N THR A 108 -13.68 11.54 17.50
CA THR A 108 -14.30 12.70 16.88
C THR A 108 -15.51 12.22 16.08
N SER A 109 -16.69 12.69 16.48
CA SER A 109 -17.92 12.40 15.78
C SER A 109 -17.88 13.07 14.42
N ASN A 110 -18.44 12.38 13.44
CA ASN A 110 -18.34 12.77 12.05
C ASN A 110 -19.56 12.21 11.27
N PRO A 111 -19.69 12.52 9.99
CA PRO A 111 -20.85 12.02 9.24
C PRO A 111 -21.00 10.50 9.12
N SER A 112 -19.93 9.75 9.32
CA SER A 112 -20.03 8.29 9.34
C SER A 112 -20.56 7.78 10.69
N GLY A 113 -20.45 8.60 11.73
CA GLY A 113 -20.87 8.21 13.07
C GLY A 113 -19.93 8.66 14.17
N SER A 114 -19.99 7.94 15.28
CA SER A 114 -19.26 8.34 16.46
C SER A 114 -18.59 7.11 17.10
N PHE A 115 -17.75 7.38 18.08
CA PHE A 115 -17.06 6.33 18.80
C PHE A 115 -18.04 5.49 19.61
N ASP A 116 -19.09 6.11 20.12
CA ASP A 116 -20.06 5.39 20.97
C ASP A 116 -21.18 4.70 20.20
N ASP A 117 -21.18 4.82 18.88
CA ASP A 117 -22.04 3.97 18.07
C ASP A 117 -21.56 2.51 18.16
N GLU A 118 -22.43 1.60 17.74
CA GLU A 118 -22.14 0.18 17.77
C GLU A 118 -20.81 -0.08 17.06
N ASN A 119 -19.89 -0.71 17.76
CA ASN A 119 -18.54 -1.02 17.25
C ASN A 119 -17.84 0.18 16.62
N HIS A 120 -18.09 1.35 17.21
CA HIS A 120 -17.39 2.58 16.86
C HIS A 120 -17.59 2.95 15.41
N LYS A 121 -18.84 2.98 14.99
CA LYS A 121 -19.19 3.25 13.58
C LYS A 121 -18.47 4.45 12.94
N GLY A 122 -18.18 5.49 13.71
CA GLY A 122 -17.48 6.66 13.22
C GLY A 122 -16.10 6.43 12.65
N LEU A 123 -15.47 5.30 12.97
CA LEU A 123 -14.09 5.03 12.52
C LEU A 123 -14.02 4.75 11.02
N GLY A 124 -15.15 4.48 10.38
CA GLY A 124 -15.23 4.36 8.94
C GLY A 124 -15.01 5.65 8.14
N GLU A 125 -14.92 6.79 8.81
CA GLU A 125 -14.82 8.07 8.11
C GLU A 125 -13.51 8.15 7.31
N PRO A 126 -13.59 8.44 6.01
CA PRO A 126 -12.36 8.48 5.21
C PRO A 126 -11.33 9.55 5.57
N LYS A 127 -11.75 10.79 5.80
CA LYS A 127 -10.79 11.88 6.04
C LYS A 127 -11.30 12.88 7.05
N PHE A 128 -10.37 13.66 7.59
CA PHE A 128 -10.66 14.76 8.51
C PHE A 128 -9.90 16.01 8.08
N ASN A 129 -10.38 17.17 8.54
CA ASN A 129 -9.60 18.37 8.38
C ASN A 129 -8.31 18.28 9.19
N THR A 130 -7.29 19.03 8.76
CA THR A 130 -5.99 19.01 9.42
C THR A 130 -5.98 19.53 10.84
N ASP A 131 -6.95 20.36 11.19
CA ASP A 131 -7.09 20.83 12.56
C ASP A 131 -7.75 19.77 13.49
N GLY A 132 -8.04 18.58 12.94
CA GLY A 132 -8.69 17.51 13.66
C GLY A 132 -10.20 17.48 13.59
N SER A 133 -10.80 18.52 13.01
CA SER A 133 -12.26 18.59 12.92
C SER A 133 -12.82 17.65 11.86
N ALA A 134 -14.08 17.25 12.03
CA ALA A 134 -14.78 16.48 11.03
C ALA A 134 -14.92 17.22 9.71
N TYR A 135 -14.68 16.47 8.63
CA TYR A 135 -14.98 16.92 7.28
C TYR A 135 -16.48 16.66 6.98
N THR A 136 -17.26 17.73 6.81
CA THR A 136 -18.72 17.59 6.74
C THR A 136 -19.30 17.65 5.34
N GLY A 137 -18.46 17.82 4.31
CA GLY A 137 -18.95 17.77 2.95
C GLY A 137 -19.31 16.36 2.49
N ALA A 138 -20.02 16.29 1.37
CA ALA A 138 -20.33 15.03 0.72
C ALA A 138 -19.06 14.30 0.39
N TRP A 139 -19.09 12.99 0.59
CA TRP A 139 -17.89 12.17 0.40
C TRP A 139 -18.31 10.72 0.32
N GLY A 140 -17.46 9.88 -0.27
CA GLY A 140 -17.74 8.48 -0.37
C GLY A 140 -17.40 7.78 0.93
N ARG A 141 -18.34 7.78 1.85
CA ARG A 141 -18.16 7.24 3.19
C ARG A 141 -19.19 6.14 3.46
N PRO A 142 -18.86 5.20 4.33
CA PRO A 142 -17.56 5.03 4.96
C PRO A 142 -16.61 4.27 4.02
N GLN A 143 -15.34 4.19 4.43
CA GLN A 143 -14.33 3.35 3.79
C GLN A 143 -13.71 2.49 4.87
N ASN A 144 -13.87 1.17 4.74
CA ASN A 144 -13.59 0.27 5.84
C ASN A 144 -12.16 -0.31 5.84
N ASP A 145 -11.35 0.18 4.90
CA ASP A 145 -9.93 -0.16 4.81
C ASP A 145 -9.13 0.63 5.83
N GLY A 146 -9.54 1.86 6.09
CA GLY A 146 -8.75 2.74 6.94
C GLY A 146 -8.44 2.18 8.32
N PRO A 147 -9.49 1.80 9.06
CA PRO A 147 -9.28 1.21 10.40
C PRO A 147 -8.40 -0.03 10.39
N ALA A 148 -8.48 -0.84 9.34
CA ALA A 148 -7.64 -2.02 9.22
C ALA A 148 -6.17 -1.65 9.03
N LEU A 149 -5.90 -0.73 8.13
CA LEU A 149 -4.51 -0.33 7.87
C LEU A 149 -3.90 0.36 9.11
N ARG A 150 -4.71 1.17 9.79
CA ARG A 150 -4.26 1.88 11.00
C ARG A 150 -4.01 0.87 12.12
N ALA A 151 -4.92 -0.09 12.31
CA ALA A 151 -4.71 -1.13 13.33
C ALA A 151 -3.41 -1.88 13.08
N TYR A 152 -3.16 -2.21 11.81
CA TYR A 152 -1.97 -2.92 11.43
C TYR A 152 -0.71 -2.06 11.69
N ALA A 153 -0.70 -0.81 11.24
CA ALA A 153 0.46 0.06 11.45
C ALA A 153 0.78 0.22 12.94
N ILE A 154 -0.25 0.43 13.75
CA ILE A 154 -0.03 0.72 15.17
C ILE A 154 0.37 -0.57 15.91
N SER A 155 -0.21 -1.70 15.50
CA SER A 155 0.23 -3.02 16.01
C SER A 155 1.72 -3.23 15.70
N ARG A 156 2.12 -2.91 14.48
CA ARG A 156 3.50 -3.10 14.09
C ARG A 156 4.45 -2.21 14.89
N TYR A 157 4.05 -0.97 15.18
CA TYR A 157 4.82 -0.12 16.09
C TYR A 157 5.00 -0.81 17.43
N LEU A 158 3.93 -1.36 18.01
CA LEU A 158 4.08 -2.04 19.30
C LEU A 158 5.05 -3.22 19.24
N ASN A 159 5.00 -3.99 18.17
CA ASN A 159 5.96 -5.07 18.01
C ASN A 159 7.37 -4.52 17.92
N ASP A 160 7.55 -3.41 17.23
CA ASP A 160 8.88 -2.79 17.10
C ASP A 160 9.40 -2.23 18.42
N VAL A 161 8.53 -1.60 19.20
CA VAL A 161 8.88 -1.11 20.53
C VAL A 161 9.37 -2.27 21.39
N ASN A 162 8.67 -3.39 21.33
CA ASN A 162 9.05 -4.56 22.13
C ASN A 162 10.33 -5.22 21.63
N SER A 163 10.52 -5.28 20.32
CA SER A 163 11.66 -6.00 19.75
C SER A 163 12.92 -5.19 19.61
N LEU A 164 12.78 -3.88 19.43
CA LEU A 164 13.91 -2.99 19.12
C LEU A 164 14.19 -1.92 20.18
N ASN A 165 13.25 -1.65 21.08
CA ASN A 165 13.44 -0.60 22.07
C ASN A 165 13.12 -1.07 23.49
N GLU A 166 13.27 -2.36 23.74
CA GLU A 166 13.10 -2.95 25.07
C GLU A 166 11.77 -2.62 25.74
N GLY A 167 10.70 -2.55 24.94
CA GLY A 167 9.37 -2.25 25.46
C GLY A 167 9.10 -0.80 25.84
N LYS A 168 10.00 0.11 25.50
CA LYS A 168 9.91 1.51 25.94
C LYS A 168 9.29 2.40 24.88
N LEU A 169 8.21 3.08 25.26
CA LEU A 169 7.68 4.19 24.46
C LEU A 169 8.49 5.46 24.68
N VAL A 170 8.35 6.44 23.79
CA VAL A 170 9.19 7.62 23.82
C VAL A 170 8.51 8.93 24.21
N LEU A 171 7.18 8.98 24.16
CA LEU A 171 6.45 10.22 24.43
C LEU A 171 5.61 10.19 25.70
N THR A 172 5.82 9.22 26.57
CA THR A 172 4.84 9.11 27.65
C THR A 172 4.98 10.11 28.78
N ASP A 173 6.01 10.96 28.74
CA ASP A 173 6.05 12.13 29.64
C ASP A 173 5.61 13.45 29.02
N SER A 174 5.14 13.40 27.77
CA SER A 174 4.60 14.59 27.14
C SER A 174 3.16 14.82 27.62
N GLY A 175 2.74 16.08 27.65
CA GLY A 175 1.42 16.41 28.12
C GLY A 175 0.28 16.05 27.18
N ASP A 176 0.58 16.03 25.91
CA ASP A 176 -0.48 15.93 24.93
C ASP A 176 -1.10 14.51 24.84
N ILE A 177 -0.54 13.53 25.58
CA ILE A 177 -0.50 12.14 25.07
C ILE A 177 -1.42 11.15 25.76
N ASN A 178 -2.26 10.50 24.96
CA ASN A 178 -3.37 9.69 25.45
C ASN A 178 -3.01 8.21 25.66
N PHE A 179 -1.80 7.98 26.16
CA PHE A 179 -1.37 6.65 26.54
C PHE A 179 -0.11 6.75 27.39
N SER A 180 0.04 5.81 28.31
CA SER A 180 1.16 5.76 29.26
C SER A 180 1.97 4.48 29.15
N SER A 181 1.56 3.58 28.24
CA SER A 181 2.11 2.24 28.15
C SER A 181 1.69 1.61 26.82
N THR A 182 2.37 0.53 26.45
CA THR A 182 1.98 -0.19 25.24
C THR A 182 0.58 -0.77 25.38
N GLU A 183 0.24 -1.26 26.56
CA GLU A 183 -1.12 -1.78 26.82
C GLU A 183 -2.17 -0.71 26.56
N ASP A 184 -1.92 0.55 26.94
CA ASP A 184 -2.88 1.63 26.68
C ASP A 184 -3.08 1.81 25.18
N ILE A 185 -2.00 1.72 24.40
CA ILE A 185 -2.12 1.86 22.94
C ILE A 185 -3.00 0.74 22.37
N TYR A 186 -2.74 -0.49 22.80
CA TYR A 186 -3.53 -1.65 22.38
C TYR A 186 -5.00 -1.46 22.76
N LYS A 187 -5.27 -1.19 24.04
CA LYS A 187 -6.65 -1.17 24.52
C LYS A 187 -7.46 0.00 23.95
N ASN A 188 -6.82 1.13 23.73
CA ASN A 188 -7.56 2.37 23.43
C ASN A 188 -7.42 2.87 22.01
N ILE A 189 -6.47 2.33 21.24
CA ILE A 189 -6.32 2.76 19.84
C ILE A 189 -6.42 1.57 18.89
N ILE A 190 -5.62 0.53 19.08
CA ILE A 190 -5.65 -0.61 18.19
C ILE A 190 -7.00 -1.34 18.29
N LYS A 191 -7.39 -1.67 19.52
CA LYS A 191 -8.56 -2.53 19.71
C LYS A 191 -9.84 -1.92 19.13
N PRO A 192 -10.12 -0.63 19.35
CA PRO A 192 -11.30 -0.02 18.70
C PRO A 192 -11.29 -0.18 17.17
N ASP A 193 -10.16 -0.01 16.50
CA ASP A 193 -10.10 -0.25 15.05
C ASP A 193 -10.43 -1.69 14.72
N LEU A 194 -9.92 -2.60 15.53
CA LEU A 194 -10.20 -4.04 15.33
C LEU A 194 -11.67 -4.34 15.55
N GLU A 195 -12.28 -3.72 16.56
CA GLU A 195 -13.71 -3.85 16.81
C GLU A 195 -14.55 -3.32 15.66
N TYR A 196 -14.10 -2.23 15.05
CA TYR A 196 -14.76 -1.69 13.86
C TYR A 196 -14.71 -2.72 12.75
N VAL A 197 -13.54 -3.30 12.49
CA VAL A 197 -13.42 -4.28 11.41
C VAL A 197 -14.31 -5.51 11.69
N ILE A 198 -14.28 -6.00 12.92
CA ILE A 198 -15.14 -7.12 13.30
C ILE A 198 -16.62 -6.79 13.04
N GLY A 199 -17.00 -5.56 13.36
CA GLY A 199 -18.38 -5.11 13.29
C GLY A 199 -18.88 -4.79 11.90
N TYR A 200 -17.99 -4.38 10.99
CA TYR A 200 -18.40 -3.78 9.73
C TYR A 200 -17.77 -4.40 8.47
N TRP A 201 -16.90 -5.40 8.59
CA TRP A 201 -16.25 -5.97 7.40
C TRP A 201 -17.26 -6.43 6.35
N ASP A 202 -18.36 -6.99 6.82
CA ASP A 202 -19.40 -7.50 5.94
C ASP A 202 -20.57 -6.53 5.77
N SER A 203 -20.29 -5.25 5.78
CA SER A 203 -21.27 -4.22 5.49
C SER A 203 -20.78 -3.44 4.27
N THR A 204 -21.63 -2.57 3.75
CA THR A 204 -21.35 -1.80 2.57
C THR A 204 -20.58 -0.52 2.86
N GLY A 205 -19.46 -0.37 2.16
CA GLY A 205 -18.70 0.85 2.14
C GLY A 205 -18.02 1.06 0.81
N PHE A 206 -17.38 2.20 0.68
CA PHE A 206 -16.66 2.58 -0.51
C PHE A 206 -15.27 1.94 -0.56
N ASP A 207 -14.74 1.82 -1.75
CA ASP A 207 -13.43 1.29 -2.00
C ASP A 207 -12.30 2.30 -1.67
N LEU A 208 -11.07 1.83 -1.77
CA LEU A 208 -9.91 2.66 -1.50
C LEU A 208 -9.81 3.89 -2.42
N TRP A 209 -10.35 3.79 -3.63
CA TRP A 209 -10.37 4.91 -4.54
C TRP A 209 -11.56 5.85 -4.31
N GLU A 210 -12.43 5.52 -3.35
CA GLU A 210 -13.48 6.42 -2.83
C GLU A 210 -14.66 6.63 -3.76
N GLU A 211 -14.91 5.63 -4.61
CA GLU A 211 -15.82 5.80 -5.74
C GLU A 211 -16.97 4.81 -5.87
N ASN A 212 -16.79 3.58 -5.43
CA ASN A 212 -17.84 2.58 -5.58
C ASN A 212 -18.14 1.82 -4.30
N GLN A 213 -19.41 1.45 -4.12
CA GLN A 213 -19.86 0.73 -2.94
C GLN A 213 -20.10 -0.74 -3.24
N GLY A 214 -19.69 -1.59 -2.30
CA GLY A 214 -19.90 -3.04 -2.40
C GLY A 214 -18.69 -3.83 -1.99
N ARG A 215 -18.52 -5.00 -2.58
CA ARG A 215 -17.42 -5.89 -2.26
C ARG A 215 -16.12 -5.38 -2.86
N HIS A 216 -15.06 -5.34 -2.05
CA HIS A 216 -13.77 -4.86 -2.56
C HIS A 216 -12.64 -5.74 -2.07
N PHE A 217 -11.89 -6.32 -2.99
CA PHE A 217 -10.80 -7.23 -2.63
C PHE A 217 -9.79 -6.58 -1.69
N PHE A 218 -9.32 -5.37 -2.04
CA PHE A 218 -8.31 -4.70 -1.24
C PHE A 218 -8.78 -4.48 0.18
N THR A 219 -10.03 -4.05 0.32
CA THR A 219 -10.56 -3.74 1.66
C THR A 219 -10.63 -5.00 2.51
N SER A 220 -11.19 -6.06 1.95
CA SER A 220 -11.31 -7.33 2.66
C SER A 220 -9.94 -7.88 3.02
N LEU A 221 -8.97 -7.71 2.12
CA LEU A 221 -7.63 -8.24 2.31
C LEU A 221 -6.92 -7.50 3.44
N VAL A 222 -6.99 -6.17 3.45
CA VAL A 222 -6.33 -5.41 4.54
C VAL A 222 -7.02 -5.65 5.89
N GLN A 223 -8.32 -5.89 5.86
CA GLN A 223 -9.06 -6.23 7.08
C GLN A 223 -8.60 -7.59 7.63
N GLN A 224 -8.49 -8.59 6.76
CA GLN A 224 -8.04 -9.92 7.16
C GLN A 224 -6.66 -9.83 7.77
N LYS A 225 -5.78 -9.04 7.15
CA LYS A 225 -4.43 -8.86 7.67
C LYS A 225 -4.43 -8.25 9.09
N ALA A 226 -5.17 -7.17 9.30
CA ALA A 226 -5.18 -6.50 10.59
C ALA A 226 -5.62 -7.46 11.68
N LEU A 227 -6.64 -8.26 11.40
CA LEU A 227 -7.14 -9.22 12.36
C LEU A 227 -6.12 -10.30 12.66
N ALA A 228 -5.52 -10.87 11.61
CA ALA A 228 -4.52 -11.94 11.77
C ALA A 228 -3.29 -11.47 12.54
N TYR A 229 -2.83 -10.28 12.21
CA TYR A 229 -1.60 -9.77 12.77
C TYR A 229 -1.80 -9.39 14.24
N ALA A 230 -3.01 -8.99 14.61
CA ALA A 230 -3.28 -8.59 15.99
C ALA A 230 -3.47 -9.76 16.94
N VAL A 231 -3.62 -10.98 16.43
CA VAL A 231 -3.84 -12.13 17.32
C VAL A 231 -2.76 -12.21 18.43
N ASP A 232 -1.49 -12.18 18.02
CA ASP A 232 -0.40 -12.29 18.99
C ASP A 232 -0.27 -11.09 19.90
N ILE A 233 -0.61 -9.91 19.40
CA ILE A 233 -0.65 -8.69 20.21
C ILE A 233 -1.68 -8.86 21.33
N ALA A 234 -2.88 -9.27 20.99
CA ALA A 234 -3.92 -9.51 21.96
C ALA A 234 -3.49 -10.52 23.02
N LYS A 235 -2.83 -11.58 22.59
CA LYS A 235 -2.39 -12.64 23.50
C LYS A 235 -1.35 -12.08 24.44
N SER A 236 -0.50 -11.20 23.93
CA SER A 236 0.57 -10.57 24.72
C SER A 236 0.03 -9.72 25.87
N PHE A 237 -1.18 -9.19 25.73
CA PHE A 237 -1.81 -8.36 26.75
C PHE A 237 -2.87 -9.10 27.54
N ASP A 238 -2.79 -10.43 27.55
CA ASP A 238 -3.68 -11.31 28.31
C ASP A 238 -5.14 -11.05 27.91
N ASP A 239 -5.36 -10.85 26.61
CA ASP A 239 -6.68 -10.61 26.07
C ASP A 239 -7.08 -11.82 25.20
N GLY A 240 -7.09 -13.00 25.82
CA GLY A 240 -7.06 -14.26 25.12
C GLY A 240 -8.32 -14.61 24.36
N ASP A 241 -9.48 -14.38 24.96
CA ASP A 241 -10.72 -14.63 24.24
C ASP A 241 -10.83 -13.71 23.03
N PHE A 242 -10.43 -12.45 23.18
CA PHE A 242 -10.47 -11.52 22.05
C PHE A 242 -9.46 -11.97 20.99
N ALA A 243 -8.30 -12.47 21.42
CA ALA A 243 -7.33 -13.02 20.48
C ALA A 243 -7.93 -14.15 19.62
N ASN A 244 -8.69 -15.02 20.26
CA ASN A 244 -9.35 -16.09 19.52
C ASN A 244 -10.50 -15.61 18.64
N THR A 245 -11.18 -14.57 19.06
CA THR A 245 -12.17 -13.88 18.23
C THR A 245 -11.49 -13.31 16.97
N LEU A 246 -10.33 -12.68 17.14
CA LEU A 246 -9.56 -12.17 16.01
C LEU A 246 -9.17 -13.29 15.05
N SER A 247 -8.68 -14.41 15.60
CA SER A 247 -8.25 -15.54 14.81
C SER A 247 -9.40 -16.12 13.98
N SER A 248 -10.54 -16.34 14.62
CA SER A 248 -11.71 -16.91 13.92
C SER A 248 -12.21 -15.94 12.85
N THR A 249 -12.27 -14.66 13.17
CA THR A 249 -12.71 -13.66 12.21
C THR A 249 -11.74 -13.55 11.04
N ALA A 250 -10.43 -13.61 11.30
CA ALA A 250 -9.45 -13.66 10.22
C ALA A 250 -9.63 -14.88 9.31
N SER A 251 -9.89 -16.04 9.91
CA SER A 251 -10.12 -17.26 9.16
C SER A 251 -11.39 -17.13 8.30
N THR A 252 -12.41 -16.50 8.85
CA THR A 252 -13.66 -16.31 8.15
C THR A 252 -13.47 -15.39 6.95
N LEU A 253 -12.70 -14.32 7.15
CA LEU A 253 -12.38 -13.42 6.05
C LEU A 253 -11.50 -14.08 5.00
N GLU A 254 -10.57 -14.94 5.42
CA GLU A 254 -9.76 -15.69 4.46
C GLU A 254 -10.65 -16.54 3.56
N SER A 255 -11.63 -17.23 4.15
CA SER A 255 -12.52 -18.08 3.34
C SER A 255 -13.38 -17.21 2.39
N TYR A 256 -13.82 -16.07 2.88
CA TYR A 256 -14.58 -15.10 2.10
C TYR A 256 -13.79 -14.63 0.86
N LEU A 257 -12.54 -14.24 1.10
CA LEU A 257 -11.65 -13.75 0.06
C LEU A 257 -11.40 -14.80 -1.01
N SER A 258 -11.33 -16.06 -0.62
CA SER A 258 -10.89 -17.12 -1.52
C SER A 258 -12.04 -17.80 -2.25
N GLY A 259 -13.28 -17.60 -1.80
CA GLY A 259 -14.44 -18.35 -2.27
C GLY A 259 -15.49 -17.54 -3.04
N SER A 260 -16.64 -18.15 -3.31
CA SER A 260 -17.66 -17.54 -4.15
C SER A 260 -18.48 -16.47 -3.41
N ASP A 261 -18.42 -16.46 -2.08
CA ASP A 261 -19.07 -15.38 -1.31
C ASP A 261 -18.43 -14.01 -1.61
N GLY A 262 -17.11 -13.97 -1.58
CA GLY A 262 -16.40 -12.74 -1.91
C GLY A 262 -16.50 -12.41 -3.39
N GLY A 263 -16.41 -13.41 -4.25
CA GLY A 263 -16.54 -13.20 -5.68
C GLY A 263 -15.33 -12.62 -6.35
N PHE A 264 -14.22 -12.56 -5.62
CA PHE A 264 -12.99 -11.95 -6.10
C PHE A 264 -12.24 -12.88 -7.03
N VAL A 265 -12.16 -14.16 -6.67
CA VAL A 265 -11.51 -15.15 -7.51
C VAL A 265 -12.45 -15.58 -8.61
N ASN A 266 -12.14 -15.19 -9.83
CA ASN A 266 -13.03 -15.42 -10.95
C ASN A 266 -12.37 -16.39 -11.92
N THR A 267 -12.97 -17.57 -12.06
CA THR A 267 -12.38 -18.62 -12.89
C THR A 267 -12.86 -18.61 -14.33
N ASP A 268 -13.78 -17.70 -14.67
CA ASP A 268 -14.11 -17.45 -16.08
C ASP A 268 -12.95 -16.69 -16.74
N VAL A 269 -12.47 -15.64 -16.07
CA VAL A 269 -11.45 -14.77 -16.61
C VAL A 269 -10.06 -15.00 -15.99
N ASN A 270 -10.00 -15.88 -15.00
CA ASN A 270 -8.78 -16.26 -14.31
C ASN A 270 -7.94 -15.10 -13.82
N HIS A 271 -8.60 -14.19 -13.13
CA HIS A 271 -7.91 -13.15 -12.42
C HIS A 271 -8.81 -12.66 -11.31
N ILE A 272 -8.28 -11.80 -10.44
CA ILE A 272 -9.11 -11.22 -9.38
C ILE A 272 -10.02 -10.18 -10.01
N VAL A 273 -11.29 -10.19 -9.62
CA VAL A 273 -12.24 -9.13 -9.93
C VAL A 273 -12.30 -8.25 -8.68
N GLU A 274 -11.71 -7.05 -8.77
CA GLU A 274 -11.50 -6.23 -7.60
C GLU A 274 -12.82 -5.87 -6.94
N ASN A 275 -13.80 -5.50 -7.76
CA ASN A 275 -15.13 -5.09 -7.28
C ASN A 275 -16.21 -5.95 -7.95
N PRO A 276 -16.46 -7.14 -7.42
CA PRO A 276 -17.38 -8.09 -8.05
C PRO A 276 -18.80 -7.56 -8.32
N ASP A 277 -19.29 -6.68 -7.48
CA ASP A 277 -20.62 -6.10 -7.74
C ASP A 277 -20.64 -5.25 -9.02
N LEU A 278 -19.53 -4.60 -9.34
CA LEU A 278 -19.45 -3.82 -10.59
C LEU A 278 -19.34 -4.71 -11.82
N LEU A 279 -18.83 -5.93 -11.64
CA LEU A 279 -18.82 -6.90 -12.72
C LEU A 279 -20.28 -7.29 -12.96
N GLN A 280 -21.00 -7.52 -11.86
CA GLN A 280 -22.43 -7.83 -11.94
C GLN A 280 -23.20 -6.72 -12.66
N GLN A 281 -22.87 -5.47 -12.33
CA GLN A 281 -23.53 -4.28 -12.90
C GLN A 281 -23.07 -3.99 -14.34
N ASN A 282 -22.03 -4.69 -14.77
CA ASN A 282 -21.43 -4.52 -16.09
C ASN A 282 -20.75 -3.15 -16.30
N SER A 283 -20.31 -2.53 -15.21
CA SER A 283 -19.66 -1.24 -15.30
C SER A 283 -18.14 -1.32 -15.25
N ARG A 284 -17.60 -2.37 -14.64
CA ARG A 284 -16.14 -2.60 -14.69
C ARG A 284 -15.85 -4.09 -14.80
N GLN A 285 -14.76 -4.46 -15.46
CA GLN A 285 -14.40 -5.86 -15.66
C GLN A 285 -13.45 -6.43 -14.62
N GLY A 286 -13.03 -5.61 -13.66
CA GLY A 286 -12.36 -6.14 -12.48
C GLY A 286 -10.87 -5.93 -12.36
N LEU A 287 -10.21 -5.44 -13.40
CA LEU A 287 -8.78 -5.17 -13.33
C LEU A 287 -8.57 -3.90 -12.54
N ASP A 288 -7.62 -3.91 -11.62
CA ASP A 288 -7.41 -2.77 -10.72
C ASP A 288 -6.05 -2.94 -10.09
N SER A 289 -5.24 -1.89 -10.06
CA SER A 289 -3.96 -1.98 -9.36
C SER A 289 -4.07 -2.25 -7.85
N ALA A 290 -5.20 -1.95 -7.23
CA ALA A 290 -5.41 -2.28 -5.84
C ALA A 290 -5.25 -3.77 -5.60
N THR A 291 -5.53 -4.57 -6.62
CA THR A 291 -5.38 -6.00 -6.53
C THR A 291 -3.97 -6.47 -6.15
N TYR A 292 -2.93 -5.79 -6.64
CA TYR A 292 -1.55 -6.09 -6.24
C TYR A 292 -1.01 -5.18 -5.16
N ILE A 293 -1.55 -3.97 -5.03
CA ILE A 293 -1.11 -3.06 -3.97
C ILE A 293 -1.46 -3.68 -2.60
N GLY A 294 -2.65 -4.20 -2.46
CA GLY A 294 -3.05 -4.84 -1.20
C GLY A 294 -2.12 -5.95 -0.76
N PRO A 295 -1.90 -6.96 -1.59
CA PRO A 295 -0.91 -7.99 -1.29
C PRO A 295 0.44 -7.44 -0.90
N LEU A 296 0.92 -6.40 -1.56
CA LEU A 296 2.21 -5.81 -1.17
C LEU A 296 2.15 -5.23 0.25
N LEU A 297 1.06 -4.54 0.60
CA LEU A 297 0.94 -3.93 1.92
C LEU A 297 0.78 -4.98 3.02
N THR A 298 0.16 -6.11 2.69
CA THR A 298 -0.15 -7.10 3.72
C THR A 298 0.90 -8.19 3.85
N HIS A 299 1.94 -8.14 3.02
CA HIS A 299 3.07 -9.01 3.15
C HIS A 299 4.37 -8.22 3.16
N ASP A 300 4.60 -7.49 4.23
CA ASP A 300 5.76 -6.63 4.31
C ASP A 300 6.99 -7.52 4.34
N ILE A 301 8.08 -7.02 3.78
CA ILE A 301 9.22 -7.89 3.51
C ILE A 301 9.91 -8.44 4.79
N GLY A 302 9.89 -7.72 5.90
CA GLY A 302 10.41 -8.30 7.14
C GLY A 302 9.71 -9.55 7.68
N GLU A 303 8.43 -9.74 7.33
CA GLU A 303 7.49 -10.53 8.11
C GLU A 303 7.29 -11.98 7.72
N SER A 304 7.51 -12.33 6.45
CA SER A 304 7.12 -13.65 5.97
C SER A 304 5.67 -13.95 6.37
N SER A 305 4.81 -12.98 6.14
CA SER A 305 3.38 -13.14 6.42
C SER A 305 2.78 -14.33 5.67
N SER A 306 1.98 -15.10 6.40
CA SER A 306 1.25 -16.23 5.88
C SER A 306 -0.20 -15.87 5.50
N THR A 307 -0.54 -14.59 5.55
CA THR A 307 -1.90 -14.18 5.20
C THR A 307 -2.08 -14.46 3.71
N PRO A 308 -3.32 -14.66 3.27
CA PRO A 308 -3.59 -15.08 1.89
C PRO A 308 -3.24 -14.03 0.83
N PHE A 309 -3.17 -14.48 -0.41
CA PHE A 309 -3.01 -13.57 -1.54
C PHE A 309 -1.78 -12.73 -1.47
N ASP A 310 -0.62 -13.38 -1.37
CA ASP A 310 0.64 -12.76 -1.69
C ASP A 310 0.76 -12.57 -3.20
N VAL A 311 1.82 -11.88 -3.63
CA VAL A 311 2.00 -11.54 -5.04
C VAL A 311 2.24 -12.76 -5.94
N ASP A 312 2.55 -13.90 -5.34
CA ASP A 312 2.67 -15.15 -6.07
C ASP A 312 1.34 -15.84 -6.35
N ASN A 313 0.24 -15.33 -5.81
CA ASN A 313 -1.07 -15.88 -6.13
C ASN A 313 -1.37 -15.69 -7.61
N GLU A 314 -1.81 -16.77 -8.27
CA GLU A 314 -1.94 -16.76 -9.71
C GLU A 314 -2.99 -15.76 -10.21
N TYR A 315 -4.05 -15.57 -9.44
CA TYR A 315 -5.12 -14.62 -9.81
C TYR A 315 -4.66 -13.17 -9.65
N VAL A 316 -3.95 -12.90 -8.57
CA VAL A 316 -3.35 -11.58 -8.36
C VAL A 316 -2.36 -11.26 -9.49
N LEU A 317 -1.50 -12.22 -9.79
CA LEU A 317 -0.47 -12.02 -10.80
C LEU A 317 -1.08 -11.84 -12.20
N GLN A 318 -2.20 -12.50 -12.48
CA GLN A 318 -2.85 -12.33 -13.77
C GLN A 318 -3.56 -10.97 -13.85
N SER A 319 -4.16 -10.50 -12.75
CA SER A 319 -4.69 -9.14 -12.75
C SER A 319 -3.60 -8.10 -13.06
N TYR A 320 -2.43 -8.30 -12.46
CA TYR A 320 -1.27 -7.44 -12.66
C TYR A 320 -0.87 -7.43 -14.13
N TYR A 321 -0.69 -8.62 -14.70
CA TYR A 321 -0.31 -8.75 -16.09
C TYR A 321 -1.32 -8.12 -17.03
N LEU A 322 -2.60 -8.40 -16.80
CA LEU A 322 -3.64 -7.93 -17.70
C LEU A 322 -3.82 -6.41 -17.60
N LEU A 323 -3.65 -5.84 -16.40
CA LEU A 323 -3.69 -4.37 -16.26
C LEU A 323 -2.50 -3.74 -16.98
N LEU A 324 -1.33 -4.34 -16.83
CA LEU A 324 -0.16 -3.87 -17.56
C LEU A 324 -0.42 -3.86 -19.08
N GLU A 325 -0.96 -4.95 -19.60
CA GLU A 325 -1.25 -5.03 -21.03
C GLU A 325 -2.26 -3.99 -21.46
N ASP A 326 -3.29 -3.82 -20.65
CA ASP A 326 -4.30 -2.83 -20.94
C ASP A 326 -3.66 -1.45 -21.01
N ASN A 327 -2.89 -1.11 -19.99
CA ASN A 327 -2.36 0.26 -19.85
C ASN A 327 -1.27 0.57 -20.88
N LYS A 328 -0.58 -0.46 -21.36
CA LYS A 328 0.41 -0.25 -22.42
C LYS A 328 -0.25 0.11 -23.75
N ASP A 329 -1.51 -0.30 -23.96
CA ASP A 329 -2.29 0.11 -25.14
C ASP A 329 -3.08 1.39 -24.87
N ARG A 330 -3.55 1.59 -23.65
CA ARG A 330 -4.47 2.68 -23.37
C ARG A 330 -3.79 4.04 -23.31
N TYR A 331 -2.57 4.09 -22.77
CA TYR A 331 -1.89 5.37 -22.53
C TYR A 331 -0.80 5.57 -23.58
N SER A 332 -0.94 6.62 -24.39
CA SER A 332 0.03 6.89 -25.44
C SER A 332 1.44 7.10 -24.91
N VAL A 333 1.58 7.58 -23.68
CA VAL A 333 2.88 7.78 -23.05
C VAL A 333 3.66 6.44 -22.97
N ASN A 334 2.96 5.30 -22.99
CA ASN A 334 3.59 3.99 -22.89
C ASN A 334 3.99 3.36 -24.23
N SER A 335 3.81 4.08 -25.33
CA SER A 335 3.91 3.44 -26.64
C SER A 335 5.28 2.89 -26.98
N ALA A 336 6.33 3.43 -26.38
CA ALA A 336 7.69 3.00 -26.66
C ALA A 336 8.28 2.08 -25.58
N TYR A 337 7.50 1.73 -24.56
CA TYR A 337 8.00 0.87 -23.50
C TYR A 337 7.88 -0.62 -23.86
N SER A 338 9.00 -1.33 -23.89
CA SER A 338 8.96 -2.75 -24.21
C SER A 338 8.67 -3.64 -23.01
N ALA A 339 8.90 -3.16 -21.80
CA ALA A 339 8.79 -3.97 -20.59
C ALA A 339 7.73 -3.33 -19.68
N GLY A 340 8.09 -2.88 -18.50
CA GLY A 340 7.15 -2.21 -17.63
C GLY A 340 6.76 -0.88 -18.21
N ALA A 341 5.75 -0.26 -17.60
CA ALA A 341 5.09 0.89 -18.18
C ALA A 341 4.40 1.67 -17.08
N ALA A 342 3.83 2.83 -17.43
CA ALA A 342 3.05 3.62 -16.46
C ALA A 342 1.69 3.00 -16.27
N ILE A 343 1.35 2.72 -15.01
CA ILE A 343 0.13 1.99 -14.63
C ILE A 343 -0.82 2.92 -13.86
N GLY A 344 -2.11 2.77 -14.15
CA GLY A 344 -3.14 3.54 -13.49
C GLY A 344 -3.86 2.73 -12.44
N ARG A 345 -5.11 3.11 -12.20
CA ARG A 345 -5.94 2.48 -11.17
C ARG A 345 -6.77 1.35 -11.72
N TYR A 346 -7.62 1.66 -12.71
CA TYR A 346 -8.45 0.66 -13.36
C TYR A 346 -8.77 1.15 -14.76
N PRO A 347 -9.01 0.26 -15.71
CA PRO A 347 -9.21 0.69 -17.10
C PRO A 347 -10.39 1.65 -17.33
N GLU A 348 -11.41 1.57 -16.50
CA GLU A 348 -12.62 2.39 -16.62
C GLU A 348 -12.53 3.76 -16.01
N ASP A 349 -11.35 4.09 -15.45
CA ASP A 349 -11.17 5.29 -14.66
C ASP A 349 -11.30 6.56 -15.52
N VAL A 350 -12.07 7.52 -15.00
CA VAL A 350 -12.22 8.85 -15.61
C VAL A 350 -11.64 10.01 -14.78
N TYR A 351 -11.18 9.76 -13.56
CA TYR A 351 -10.63 10.82 -12.72
C TYR A 351 -9.31 11.31 -13.25
N ASN A 352 -9.23 12.59 -13.59
CA ASN A 352 -8.01 13.16 -14.14
C ASN A 352 -7.07 13.85 -13.15
N GLY A 353 -7.45 13.80 -11.86
CA GLY A 353 -6.69 14.43 -10.80
C GLY A 353 -7.30 15.70 -10.26
N ASP A 354 -8.26 16.25 -10.99
CA ASP A 354 -8.95 17.48 -10.60
C ASP A 354 -10.28 17.63 -11.36
N GLY A 355 -10.99 16.52 -11.55
CA GLY A 355 -12.21 16.49 -12.34
C GLY A 355 -12.30 15.17 -13.08
N SER A 356 -13.24 15.07 -14.04
CA SER A 356 -13.47 13.85 -14.79
C SER A 356 -13.30 14.08 -16.28
N SER A 357 -12.56 13.19 -16.93
CA SER A 357 -12.47 13.17 -18.37
C SER A 357 -11.98 11.78 -18.73
N GLU A 358 -10.67 11.58 -18.64
CA GLU A 358 -10.06 10.26 -18.79
C GLU A 358 -9.11 10.09 -17.63
N GLY A 359 -9.03 8.88 -17.11
CA GLY A 359 -8.06 8.59 -16.06
C GLY A 359 -6.64 8.55 -16.61
N ASN A 360 -5.68 8.63 -15.69
CA ASN A 360 -4.25 8.61 -16.02
C ASN A 360 -3.53 7.49 -15.29
N PRO A 361 -2.33 7.16 -15.73
CA PRO A 361 -1.43 6.39 -14.86
C PRO A 361 -1.10 7.18 -13.59
N TRP A 362 -0.79 6.44 -12.53
CA TRP A 362 -0.46 6.98 -11.21
C TRP A 362 0.96 6.63 -10.84
N PHE A 363 1.67 7.57 -10.23
CA PHE A 363 3.01 7.26 -9.77
C PHE A 363 3.03 6.10 -8.74
N LEU A 364 2.08 6.08 -7.84
CA LEU A 364 2.08 5.02 -6.80
C LEU A 364 1.83 3.66 -7.41
N ALA A 365 0.90 3.55 -8.37
CA ALA A 365 0.61 2.26 -8.99
C ALA A 365 1.83 1.75 -9.77
N THR A 366 2.58 2.68 -10.36
CA THR A 366 3.78 2.34 -11.13
C THR A 366 4.89 1.85 -10.20
N ALA A 367 5.03 2.51 -9.05
CA ALA A 367 6.07 2.12 -8.09
C ALA A 367 5.71 0.76 -7.47
N TYR A 368 4.46 0.57 -7.10
CA TYR A 368 4.00 -0.76 -6.64
C TYR A 368 4.21 -1.85 -7.72
N ALA A 369 4.08 -1.48 -8.98
CA ALA A 369 4.23 -2.45 -10.06
C ALA A 369 5.67 -2.96 -10.15
N ALA A 370 6.64 -2.11 -9.79
CA ALA A 370 8.03 -2.54 -9.71
C ALA A 370 8.18 -3.58 -8.59
N GLN A 371 7.50 -3.35 -7.47
CA GLN A 371 7.62 -4.23 -6.31
C GLN A 371 7.15 -5.66 -6.54
N VAL A 372 6.16 -5.84 -7.41
CA VAL A 372 5.63 -7.19 -7.66
C VAL A 372 6.74 -8.17 -8.08
N PRO A 373 7.44 -7.91 -9.18
CA PRO A 373 8.52 -8.84 -9.56
C PRO A 373 9.71 -8.80 -8.61
N TYR A 374 10.02 -7.66 -8.00
CA TYR A 374 11.07 -7.65 -6.98
C TYR A 374 10.75 -8.63 -5.83
N LYS A 375 9.48 -8.64 -5.42
CA LYS A 375 9.07 -9.48 -4.31
C LYS A 375 9.01 -10.94 -4.67
N LEU A 376 8.54 -11.26 -5.88
CA LEU A 376 8.62 -12.65 -6.38
C LEU A 376 10.05 -13.19 -6.26
N ALA A 377 11.02 -12.40 -6.68
CA ALA A 377 12.43 -12.81 -6.66
C ALA A 377 12.93 -12.86 -5.21
N TYR A 378 12.62 -11.81 -4.45
CA TYR A 378 13.08 -11.71 -3.06
C TYR A 378 12.58 -12.88 -2.23
N ASP A 379 11.30 -13.18 -2.32
CA ASP A 379 10.68 -14.22 -1.51
C ASP A 379 11.33 -15.56 -1.75
N ALA A 380 11.54 -15.87 -3.02
CA ALA A 380 12.17 -17.10 -3.42
C ALA A 380 13.61 -17.17 -2.95
N LYS A 381 14.39 -16.16 -3.28
CA LYS A 381 15.82 -16.18 -3.00
C LYS A 381 16.09 -16.14 -1.49
N SER A 382 15.39 -15.27 -0.78
CA SER A 382 15.63 -15.08 0.63
C SER A 382 15.32 -16.31 1.48
N ALA A 383 14.30 -17.07 1.11
CA ALA A 383 13.92 -18.27 1.84
C ALA A 383 14.43 -19.54 1.19
N SER A 384 15.08 -19.44 0.02
CA SER A 384 15.42 -20.62 -0.76
C SER A 384 14.17 -21.47 -1.08
N ASN A 385 13.06 -20.79 -1.36
CA ASN A 385 11.83 -21.43 -1.79
C ASN A 385 11.86 -21.57 -3.30
N ASP A 386 11.15 -22.56 -3.83
CA ASP A 386 11.04 -22.70 -5.28
C ASP A 386 10.17 -21.59 -5.82
N ILE A 387 10.36 -21.27 -7.10
CA ILE A 387 9.42 -20.42 -7.84
C ILE A 387 8.47 -21.38 -8.56
N THR A 388 7.18 -21.26 -8.27
CA THR A 388 6.19 -22.10 -8.93
C THR A 388 5.40 -21.18 -9.83
N ILE A 389 5.27 -21.59 -11.08
CA ILE A 389 4.53 -20.81 -12.08
C ILE A 389 3.34 -21.62 -12.54
N ASN A 390 2.15 -21.18 -12.18
CA ASN A 390 0.91 -21.78 -12.63
C ASN A 390 0.66 -21.51 -14.10
N LYS A 391 0.01 -22.46 -14.77
CA LYS A 391 -0.35 -22.28 -16.17
C LYS A 391 -1.13 -20.99 -16.46
N ILE A 392 -1.97 -20.53 -15.53
CA ILE A 392 -2.65 -19.25 -15.73
C ILE A 392 -1.68 -18.09 -16.05
N ASN A 393 -0.49 -18.16 -15.46
CA ASN A 393 0.53 -17.12 -15.59
C ASN A 393 1.62 -17.39 -16.62
N TYR A 394 1.47 -18.40 -17.48
CA TYR A 394 2.51 -18.66 -18.47
C TYR A 394 2.69 -17.50 -19.45
N ASP A 395 1.59 -16.91 -19.92
CA ASP A 395 1.73 -15.81 -20.87
C ASP A 395 2.55 -14.67 -20.27
N PHE A 396 2.27 -14.32 -19.01
CA PHE A 396 3.00 -13.25 -18.34
C PHE A 396 4.48 -13.55 -18.33
N PHE A 397 4.85 -14.71 -17.86
CA PHE A 397 6.28 -15.03 -17.78
C PHE A 397 6.93 -15.06 -19.16
N ASN A 398 6.27 -15.70 -20.11
CA ASN A 398 6.80 -15.79 -21.49
C ASN A 398 6.93 -14.42 -22.18
N LYS A 399 6.13 -13.43 -21.78
CA LYS A 399 6.21 -12.12 -22.41
C LYS A 399 7.30 -11.22 -21.79
N TYR A 400 7.52 -11.33 -20.48
CA TYR A 400 8.32 -10.34 -19.77
C TYR A 400 9.51 -10.89 -18.98
N ILE A 401 9.48 -12.18 -18.64
CA ILE A 401 10.41 -12.72 -17.65
C ILE A 401 11.36 -13.79 -18.20
N VAL A 402 10.82 -14.82 -18.83
CA VAL A 402 11.66 -15.91 -19.31
C VAL A 402 10.94 -16.68 -20.41
N ASP A 403 11.72 -17.23 -21.32
CA ASP A 403 11.19 -18.22 -22.25
C ASP A 403 11.01 -19.52 -21.47
N LEU A 404 9.79 -19.82 -21.06
CA LEU A 404 9.57 -20.98 -20.22
C LEU A 404 10.02 -22.28 -20.87
N SER A 405 10.05 -22.34 -22.19
CA SER A 405 10.42 -23.58 -22.88
C SER A 405 11.89 -23.90 -22.62
N THR A 406 12.69 -22.90 -22.28
CA THR A 406 14.10 -23.13 -21.91
C THR A 406 14.26 -23.68 -20.52
N ILE A 407 13.26 -23.49 -19.67
CA ILE A 407 13.24 -24.07 -18.35
C ILE A 407 12.80 -25.51 -18.45
N ASN A 408 11.63 -25.71 -19.06
CA ASN A 408 11.06 -27.00 -19.23
C ASN A 408 10.33 -27.03 -20.58
N SER A 409 10.82 -27.83 -21.51
CA SER A 409 10.31 -27.79 -22.89
C SER A 409 8.86 -28.25 -23.00
N ALA A 410 8.41 -29.00 -22.00
CA ALA A 410 7.07 -29.57 -21.97
C ALA A 410 6.13 -28.79 -21.07
N TYR A 411 6.47 -27.53 -20.79
CA TYR A 411 5.70 -26.76 -19.80
C TYR A 411 4.21 -26.67 -20.17
N GLN A 412 3.90 -26.59 -21.46
CA GLN A 412 2.51 -26.45 -21.94
C GLN A 412 1.67 -27.68 -21.62
N SER A 413 2.33 -28.81 -21.38
CA SER A 413 1.67 -30.06 -21.01
C SER A 413 1.45 -30.23 -19.49
N SER A 414 1.91 -29.27 -18.67
CA SER A 414 1.76 -29.35 -17.21
C SER A 414 0.96 -28.18 -16.67
N ASP A 415 0.33 -28.40 -15.52
CA ASP A 415 -0.43 -27.37 -14.85
C ASP A 415 0.45 -26.30 -14.25
N SER A 416 1.73 -26.62 -14.07
CA SER A 416 2.69 -25.68 -13.50
C SER A 416 4.14 -26.05 -13.81
N VAL A 417 5.02 -25.06 -13.62
CA VAL A 417 6.48 -25.24 -13.68
C VAL A 417 7.03 -24.88 -12.31
N THR A 418 7.85 -25.76 -11.74
CA THR A 418 8.49 -25.49 -10.45
C THR A 418 9.98 -25.37 -10.68
N ILE A 419 10.55 -24.26 -10.24
CA ILE A 419 11.95 -23.96 -10.52
C ILE A 419 12.66 -24.02 -9.20
N LYS A 420 13.59 -24.96 -9.08
CA LYS A 420 14.29 -25.24 -7.82
C LYS A 420 15.32 -24.19 -7.43
N SER A 421 15.28 -23.75 -6.17
CA SER A 421 16.25 -22.83 -5.62
C SER A 421 17.65 -23.31 -5.93
N GLY A 422 18.54 -22.39 -6.31
CA GLY A 422 19.94 -22.72 -6.58
C GLY A 422 20.28 -23.19 -7.98
N SER A 423 19.25 -23.50 -8.77
CA SER A 423 19.47 -23.94 -10.13
C SER A 423 19.79 -22.72 -11.00
N ASP A 424 20.41 -22.97 -12.14
CA ASP A 424 20.70 -21.93 -13.08
C ASP A 424 19.39 -21.32 -13.58
N GLU A 425 18.37 -22.16 -13.74
CA GLU A 425 17.05 -21.72 -14.22
C GLU A 425 16.46 -20.73 -13.21
N PHE A 426 16.62 -21.05 -11.93
CA PHE A 426 16.14 -20.19 -10.85
C PHE A 426 16.84 -18.82 -10.87
N ASN A 427 18.16 -18.82 -11.00
CA ASN A 427 18.91 -17.57 -11.02
C ASN A 427 18.55 -16.71 -12.24
N THR A 428 18.27 -17.36 -13.36
CA THR A 428 17.85 -16.67 -14.59
C THR A 428 16.54 -15.95 -14.34
N VAL A 429 15.59 -16.65 -13.75
CA VAL A 429 14.25 -16.09 -13.53
C VAL A 429 14.30 -15.01 -12.46
N ALA A 430 15.03 -15.23 -11.37
CA ALA A 430 15.15 -14.21 -10.34
C ALA A 430 15.79 -12.94 -10.87
N ASP A 431 16.86 -13.09 -11.64
CA ASP A 431 17.54 -11.94 -12.18
C ASP A 431 16.63 -11.20 -13.17
N ASN A 432 15.93 -11.97 -14.01
CA ASN A 432 15.05 -11.37 -15.03
C ASN A 432 13.87 -10.66 -14.34
N LEU A 433 13.41 -11.19 -13.21
CA LEU A 433 12.36 -10.51 -12.43
C LEU A 433 12.81 -9.13 -11.98
N VAL A 434 14.04 -9.02 -11.50
CA VAL A 434 14.55 -7.75 -11.04
C VAL A 434 14.75 -6.77 -12.19
N THR A 435 15.27 -7.23 -13.33
CA THR A 435 15.42 -6.38 -14.49
C THR A 435 14.05 -5.80 -14.91
N PHE A 436 13.04 -6.66 -14.89
CA PHE A 436 11.67 -6.26 -15.23
C PHE A 436 11.15 -5.24 -14.23
N GLY A 437 11.39 -5.45 -12.94
CA GLY A 437 10.98 -4.49 -11.93
C GLY A 437 11.63 -3.13 -12.16
N ASP A 438 12.92 -3.17 -12.49
CA ASP A 438 13.66 -1.96 -12.76
C ASP A 438 13.00 -1.13 -13.84
N SER A 439 12.40 -1.77 -14.85
CA SER A 439 11.83 -1.04 -15.96
C SER A 439 10.69 -0.11 -15.54
N PHE A 440 9.99 -0.49 -14.47
CA PHE A 440 8.96 0.38 -13.91
C PHE A 440 9.56 1.59 -13.21
N LEU A 441 10.66 1.38 -12.48
CA LEU A 441 11.33 2.53 -11.87
C LEU A 441 11.95 3.46 -12.92
N GLN A 442 12.36 2.92 -14.06
CA GLN A 442 12.77 3.76 -15.17
C GLN A 442 11.64 4.64 -15.70
N VAL A 443 10.41 4.10 -15.77
CA VAL A 443 9.26 4.89 -16.15
C VAL A 443 9.09 6.07 -15.16
N ILE A 444 9.30 5.82 -13.87
CA ILE A 444 9.21 6.90 -12.90
C ILE A 444 10.29 7.96 -13.15
N LEU A 445 11.50 7.49 -13.39
CA LEU A 445 12.61 8.38 -13.72
C LEU A 445 12.34 9.22 -14.96
N ASP A 446 11.69 8.63 -15.95
CA ASP A 446 11.37 9.35 -17.19
C ASP A 446 10.46 10.56 -16.95
N HIS A 447 9.62 10.49 -15.92
CA HIS A 447 8.54 11.45 -15.75
C HIS A 447 8.48 12.18 -14.42
N ILE A 448 9.38 11.88 -13.50
CA ILE A 448 9.37 12.57 -12.20
C ILE A 448 9.71 14.06 -12.39
N ASN A 449 9.17 14.92 -11.53
CA ASN A 449 9.52 16.34 -11.56
C ASN A 449 11.02 16.52 -11.31
N ASP A 450 11.57 17.59 -11.87
CA ASP A 450 12.98 17.91 -11.67
C ASP A 450 13.38 18.01 -10.20
N ASP A 451 12.44 18.42 -9.35
CA ASP A 451 12.72 18.60 -7.92
C ASP A 451 12.66 17.29 -7.12
N GLY A 452 12.36 16.19 -7.81
CA GLY A 452 12.39 14.88 -7.19
C GLY A 452 11.10 14.54 -6.44
N SER A 453 10.08 15.39 -6.53
CA SER A 453 8.77 15.17 -5.92
C SER A 453 7.87 14.43 -6.89
N LEU A 454 6.96 13.63 -6.34
CA LEU A 454 6.04 12.81 -7.13
C LEU A 454 4.60 13.26 -6.96
N ASN A 455 3.92 13.61 -8.04
CA ASN A 455 2.51 13.94 -7.99
C ASN A 455 1.68 12.66 -7.82
N GLU A 456 0.36 12.81 -7.73
CA GLU A 456 -0.54 11.67 -7.78
C GLU A 456 -0.48 10.97 -9.15
N GLN A 457 -0.51 11.75 -10.21
CA GLN A 457 -0.69 11.23 -11.56
C GLN A 457 0.37 11.73 -12.53
N LEU A 458 0.46 11.05 -13.67
CA LEU A 458 1.21 11.57 -14.82
C LEU A 458 0.31 11.44 -16.05
N ASN A 459 0.31 12.47 -16.91
CA ASN A 459 -0.67 12.53 -18.00
C ASN A 459 -0.49 11.35 -18.97
N ARG A 460 -1.59 10.74 -19.35
CA ARG A 460 -1.54 9.55 -20.19
C ARG A 460 -0.97 9.78 -21.58
N TYR A 461 -0.99 11.02 -22.06
CA TYR A 461 -0.41 11.36 -23.37
C TYR A 461 1.06 11.78 -23.28
N THR A 462 1.36 12.71 -22.40
CA THR A 462 2.69 13.33 -22.35
C THR A 462 3.61 12.79 -21.27
N GLY A 463 3.04 12.19 -20.24
CA GLY A 463 3.83 11.82 -19.07
C GLY A 463 4.14 12.96 -18.11
N TYR A 464 3.68 14.20 -18.36
CA TYR A 464 3.95 15.28 -17.42
C TYR A 464 3.13 15.04 -16.17
N SER A 465 3.74 15.31 -15.03
CA SER A 465 3.04 15.13 -13.76
C SER A 465 1.78 15.99 -13.67
N THR A 466 0.78 15.48 -12.98
CA THR A 466 -0.45 16.23 -12.80
C THR A 466 -1.19 15.70 -11.56
N GLY A 467 -2.21 16.44 -11.15
CA GLY A 467 -2.91 16.17 -9.91
C GLY A 467 -2.12 16.62 -8.71
N ALA A 468 -2.51 16.09 -7.54
CA ALA A 468 -1.95 16.54 -6.27
C ALA A 468 -0.43 16.45 -6.27
N TYR A 469 0.19 17.50 -5.74
CA TYR A 469 1.64 17.66 -5.75
C TYR A 469 2.25 16.91 -4.55
N SER A 470 3.42 16.34 -4.76
CA SER A 470 4.20 15.65 -3.73
C SER A 470 3.31 14.80 -2.80
N LEU A 471 2.54 13.92 -3.41
CA LEU A 471 1.60 13.03 -2.73
C LEU A 471 2.35 12.10 -1.80
N THR A 472 2.00 12.10 -0.51
CA THR A 472 2.70 11.29 0.46
C THR A 472 2.74 9.81 0.09
N TRP A 473 1.61 9.30 -0.39
CA TRP A 473 1.51 7.92 -0.78
C TRP A 473 2.41 7.64 -1.99
N SER A 474 2.55 8.58 -2.93
CA SER A 474 3.52 8.40 -4.03
C SER A 474 4.94 8.24 -3.48
N SER A 475 5.34 9.13 -2.58
CA SER A 475 6.67 9.08 -2.00
C SER A 475 6.91 7.75 -1.30
N GLY A 476 5.93 7.31 -0.51
CA GLY A 476 6.04 6.04 0.18
C GLY A 476 6.17 4.82 -0.72
N ALA A 477 5.34 4.76 -1.77
CA ALA A 477 5.39 3.67 -2.72
C ALA A 477 6.76 3.57 -3.39
N LEU A 478 7.34 4.70 -3.78
CA LEU A 478 8.68 4.70 -4.37
C LEU A 478 9.72 4.25 -3.35
N LEU A 479 9.60 4.75 -2.13
CA LEU A 479 10.54 4.37 -1.08
C LEU A 479 10.54 2.88 -0.84
N GLU A 480 9.35 2.27 -0.85
CA GLU A 480 9.27 0.83 -0.61
C GLU A 480 9.81 0.02 -1.79
N ALA A 481 9.66 0.55 -3.00
CA ALA A 481 10.24 -0.08 -4.18
C ALA A 481 11.76 -0.07 -4.11
N ILE A 482 12.35 1.05 -3.72
CA ILE A 482 13.81 1.17 -3.58
C ILE A 482 14.31 0.23 -2.47
N ARG A 483 13.59 0.19 -1.35
CA ARG A 483 13.99 -0.66 -0.23
C ARG A 483 14.00 -2.11 -0.64
N LEU A 484 12.98 -2.53 -1.37
CA LEU A 484 12.88 -3.90 -1.83
C LEU A 484 13.98 -4.21 -2.86
N ARG A 485 14.21 -3.30 -3.80
CA ARG A 485 15.23 -3.50 -4.83
C ARG A 485 16.58 -3.70 -4.16
N ASN A 486 16.90 -2.85 -3.21
CA ASN A 486 18.18 -2.93 -2.50
C ASN A 486 18.31 -4.25 -1.73
N LYS A 487 17.22 -4.68 -1.10
CA LYS A 487 17.22 -5.91 -0.31
C LYS A 487 17.41 -7.16 -1.17
N VAL A 488 16.76 -7.20 -2.33
CA VAL A 488 16.90 -8.37 -3.18
C VAL A 488 18.28 -8.40 -3.83
N LYS A 489 18.80 -7.23 -4.20
CA LYS A 489 20.09 -7.18 -4.89
C LYS A 489 21.22 -7.48 -3.91
N ALA A 490 21.00 -7.23 -2.63
CA ALA A 490 22.02 -7.47 -1.61
C ALA A 490 22.15 -8.97 -1.29
N LEU A 491 21.15 -9.77 -1.65
CA LEU A 491 21.22 -11.22 -1.43
C LEU A 491 22.35 -11.79 -2.28
N ALA A 492 23.14 -12.66 -1.66
CA ALA A 492 24.29 -13.25 -2.34
C ALA A 492 23.88 -13.97 -3.62
#